data_2ZMF
#
_entry.id   2ZMF
#
_cell.length_a   74.506
_cell.length_b   74.506
_cell.length_c   146.524
_cell.angle_alpha   90.00
_cell.angle_beta   90.00
_cell.angle_gamma   120.00
#
_symmetry.space_group_name_H-M   'P 31 2 1'
#
loop_
_entity.id
_entity.type
_entity.pdbx_description
1 polymer "cAMP and cAMP-inhibited cGMP 3',5'-cyclic phosphodiesterase 10A"
2 non-polymer "ADENOSINE-3',5'-CYCLIC-MONOPHOSPHATE"
3 water water
#
_entity_poly.entity_id   1
_entity_poly.type   'polypeptide(L)'
_entity_poly.pdbx_seq_one_letter_code
;GSSGSSGQTELNDFLLDVSKTYFDNIVAIDSLLEHI(MSE)IYAKNLVNADRCALFQVDHKNKELYSDLFDIGEEKEGKP
VFKKTKEIRFSIEKGIAGQVARTGEVLNIPDAYADPRFNREVDLYTGYTTRNILC(MSE)PIVSRGSVIGVVQ(MSE)VN
KISGSAFSKTDENNFK(MSE)FAVFCALALHCAN(MSE)YHRIRHSECI
;
_entity_poly.pdbx_strand_id   A,B
#
# COMPACT_ATOMS: atom_id res chain seq x y z
N GLN A 8 -8.10 1.43 15.69
CA GLN A 8 -8.52 -0.02 15.65
C GLN A 8 -7.33 -0.97 15.93
N THR A 9 -7.58 -1.87 16.89
CA THR A 9 -6.62 -2.81 17.42
C THR A 9 -5.98 -3.65 16.32
N GLU A 10 -6.81 -4.19 15.44
CA GLU A 10 -6.31 -5.11 14.40
C GLU A 10 -5.29 -4.43 13.45
N LEU A 11 -5.57 -3.18 13.03
CA LEU A 11 -4.64 -2.46 12.13
C LEU A 11 -3.27 -2.17 12.79
N ASN A 12 -3.36 -1.61 14.02
CA ASN A 12 -2.25 -1.46 14.96
C ASN A 12 -1.46 -2.77 14.99
N ASP A 13 -2.13 -3.87 15.36
CA ASP A 13 -1.50 -5.20 15.39
C ASP A 13 -0.79 -5.53 14.04
N PHE A 14 -1.47 -5.30 12.89
CA PHE A 14 -0.88 -5.60 11.55
C PHE A 14 0.32 -4.73 11.19
N LEU A 15 0.23 -3.43 11.47
CA LEU A 15 1.41 -2.57 11.27
C LEU A 15 2.60 -3.00 12.15
N LEU A 16 2.30 -3.40 13.39
CA LEU A 16 3.37 -3.97 14.23
C LEU A 16 3.89 -5.28 13.61
N ASP A 17 3.02 -6.06 12.92
CA ASP A 17 3.47 -7.36 12.39
C ASP A 17 4.34 -7.07 11.12
N VAL A 18 4.00 -6.06 10.33
CA VAL A 18 4.80 -5.75 9.14
C VAL A 18 6.21 -5.29 9.48
N SER A 19 6.40 -4.54 10.58
CA SER A 19 7.73 -4.07 10.90
C SER A 19 8.53 -5.18 11.56
N LYS A 20 7.86 -5.99 12.36
CA LYS A 20 8.49 -7.16 12.95
C LYS A 20 9.02 -8.07 11.83
N THR A 21 8.18 -8.24 10.80
CA THR A 21 8.53 -8.98 9.59
C THR A 21 9.78 -8.47 8.85
N TYR A 22 9.87 -7.17 8.60
CA TYR A 22 11.05 -6.62 7.98
C TYR A 22 12.22 -6.68 8.93
N PHE A 23 11.97 -6.52 10.22
CA PHE A 23 13.10 -6.52 11.18
C PHE A 23 13.73 -7.93 11.28
N ASP A 24 12.87 -8.95 11.22
CA ASP A 24 13.27 -10.35 11.40
C ASP A 24 13.76 -11.10 10.16
N ASN A 25 13.32 -10.70 8.98
CA ASN A 25 13.50 -11.49 7.76
C ASN A 25 14.54 -10.93 6.80
N ILE A 26 15.13 -11.81 5.99
CA ILE A 26 16.06 -11.41 4.93
C ILE A 26 15.22 -10.96 3.74
N VAL A 27 14.26 -11.77 3.35
CA VAL A 27 13.34 -11.45 2.26
C VAL A 27 11.95 -11.61 2.82
N ALA A 28 11.36 -10.46 3.17
CA ALA A 28 10.08 -10.38 3.91
C ALA A 28 8.85 -10.84 3.12
N ILE A 29 8.98 -10.89 1.79
CA ILE A 29 7.86 -11.14 0.86
C ILE A 29 6.83 -12.19 1.31
N ASP A 30 7.29 -13.44 1.50
CA ASP A 30 6.36 -14.53 1.84
C ASP A 30 5.63 -14.28 3.15
N SER A 31 6.37 -13.85 4.15
CA SER A 31 5.73 -13.63 5.43
C SER A 31 4.72 -12.49 5.26
N LEU A 32 5.16 -11.43 4.57
CA LEU A 32 4.29 -10.28 4.30
C LEU A 32 3.02 -10.68 3.55
N LEU A 33 3.14 -11.51 2.51
CA LEU A 33 2.00 -11.91 1.69
C LEU A 33 0.97 -12.68 2.53
N GLU A 34 1.50 -13.60 3.36
CA GLU A 34 0.68 -14.37 4.26
C GLU A 34 0.03 -13.49 5.30
N HIS A 35 0.78 -12.53 5.85
CA HIS A 35 0.23 -11.60 6.84
C HIS A 35 -0.84 -10.74 6.16
N ILE A 36 -0.54 -10.33 4.92
CA ILE A 36 -1.49 -9.53 4.12
C ILE A 36 -2.80 -10.31 3.92
N ILE A 38 -3.95 -12.86 5.65
CA ILE A 38 -4.62 -13.16 6.91
C ILE A 38 -5.29 -11.90 7.43
N TYR A 39 -4.61 -10.77 7.27
CA TYR A 39 -5.18 -9.49 7.75
C TYR A 39 -6.37 -9.17 6.84
N ALA A 40 -6.16 -9.27 5.54
CA ALA A 40 -7.25 -9.00 4.57
C ALA A 40 -8.46 -9.87 4.86
N LYS A 41 -8.24 -11.17 5.08
CA LYS A 41 -9.33 -12.09 5.34
C LYS A 41 -10.18 -11.64 6.52
N ASN A 42 -9.53 -11.35 7.63
CA ASN A 42 -10.25 -10.91 8.83
C ASN A 42 -10.94 -9.55 8.58
N LEU A 43 -10.28 -8.64 7.88
CA LEU A 43 -10.86 -7.30 7.61
C LEU A 43 -12.13 -7.34 6.77
N VAL A 44 -12.10 -8.12 5.68
CA VAL A 44 -13.23 -8.18 4.78
C VAL A 44 -14.22 -9.29 5.20
N ASN A 45 -13.88 -10.01 6.26
CA ASN A 45 -14.65 -11.13 6.79
C ASN A 45 -14.91 -12.23 5.75
N ALA A 46 -13.85 -12.73 5.12
CA ALA A 46 -14.05 -13.73 4.09
C ALA A 46 -13.94 -15.07 4.77
N ASP A 47 -14.64 -16.06 4.22
CA ASP A 47 -14.62 -17.41 4.73
C ASP A 47 -13.37 -18.16 4.26
N ARG A 48 -12.86 -17.79 3.08
CA ARG A 48 -11.67 -18.44 2.54
C ARG A 48 -10.82 -17.51 1.70
N CYS A 49 -9.66 -18.00 1.26
CA CYS A 49 -8.75 -17.19 0.44
C CYS A 49 -7.79 -18.11 -0.29
N ALA A 50 -7.08 -17.55 -1.27
CA ALA A 50 -6.09 -18.32 -2.01
C ALA A 50 -5.04 -17.46 -2.67
N LEU A 51 -3.86 -18.06 -2.90
CA LEU A 51 -2.86 -17.46 -3.77
C LEU A 51 -2.63 -18.46 -4.89
N PHE A 52 -2.79 -17.99 -6.13
CA PHE A 52 -2.46 -18.79 -7.30
C PHE A 52 -1.21 -18.17 -7.88
N GLN A 53 -0.34 -19.00 -8.44
CA GLN A 53 0.81 -18.55 -9.23
C GLN A 53 0.48 -18.61 -10.71
N VAL A 54 1.03 -17.69 -11.49
CA VAL A 54 0.86 -17.73 -12.93
C VAL A 54 2.04 -18.55 -13.52
N ASP A 55 1.74 -19.63 -14.19
CA ASP A 55 2.74 -20.39 -14.97
C ASP A 55 2.70 -19.70 -16.31
N HIS A 56 3.62 -18.79 -16.56
CA HIS A 56 3.62 -18.04 -17.81
C HIS A 56 3.90 -18.97 -18.96
N LYS A 57 4.94 -19.78 -18.77
CA LYS A 57 5.39 -20.76 -19.79
C LYS A 57 4.22 -21.57 -20.36
N ASN A 58 3.37 -22.13 -19.48
CA ASN A 58 2.25 -22.97 -19.93
C ASN A 58 0.91 -22.26 -20.12
N LYS A 59 0.85 -20.97 -19.74
CA LYS A 59 -0.40 -20.19 -19.81
C LYS A 59 -1.49 -20.78 -18.87
N GLU A 60 -1.06 -21.16 -17.66
CA GLU A 60 -1.97 -21.62 -16.62
C GLU A 60 -1.82 -20.89 -15.29
N LEU A 61 -2.83 -21.05 -14.45
CA LEU A 61 -2.74 -20.75 -13.03
C LEU A 61 -2.64 -22.04 -12.24
N TYR A 62 -1.87 -22.03 -11.15
CA TYR A 62 -1.90 -23.17 -10.24
C TYR A 62 -1.89 -22.62 -8.83
N SER A 63 -2.56 -23.37 -7.96
CA SER A 63 -2.71 -23.03 -6.57
C SER A 63 -1.35 -23.09 -5.87
N ASP A 64 -1.18 -22.28 -4.82
CA ASP A 64 0.07 -22.27 -4.04
C ASP A 64 -0.40 -22.40 -2.58
N LEU A 65 -1.19 -21.40 -2.15
CA LEU A 65 -1.80 -21.43 -0.83
C LEU A 65 -3.32 -21.48 -0.99
N PHE A 66 -3.96 -22.42 -0.30
CA PHE A 66 -5.37 -22.66 -0.48
C PHE A 66 -5.99 -22.87 0.91
N ASP A 67 -6.70 -21.87 1.39
CA ASP A 67 -7.31 -21.95 2.71
C ASP A 67 -8.39 -22.99 2.61
N ILE A 68 -8.37 -23.95 3.53
CA ILE A 68 -9.46 -24.91 3.66
C ILE A 68 -10.25 -24.74 4.98
N GLY A 69 -10.25 -23.52 5.54
CA GLY A 69 -10.90 -23.24 6.82
C GLY A 69 -10.26 -23.85 8.08
N GLU A 70 -9.03 -24.33 7.96
CA GLU A 70 -8.30 -24.87 9.09
C GLU A 70 -7.53 -23.77 9.82
N GLU A 71 -7.61 -23.79 11.15
CA GLU A 71 -7.05 -22.74 11.99
C GLU A 71 -6.08 -23.31 13.03
N LYS A 72 -4.98 -22.59 13.28
CA LYS A 72 -4.06 -22.88 14.39
C LYS A 72 -4.03 -21.68 15.34
N GLU A 73 -4.58 -21.88 16.54
CA GLU A 73 -4.71 -20.88 17.61
C GLU A 73 -5.17 -19.46 17.22
N GLY A 74 -6.33 -19.38 16.59
CA GLY A 74 -7.02 -18.12 16.36
C GLY A 74 -6.85 -17.53 14.97
N LYS A 75 -5.73 -17.89 14.32
CA LYS A 75 -5.40 -17.40 12.99
C LYS A 75 -5.25 -18.55 11.98
N PRO A 76 -5.72 -18.32 10.75
CA PRO A 76 -5.70 -19.33 9.67
C PRO A 76 -4.34 -19.93 9.29
N VAL A 77 -4.33 -21.24 9.04
CA VAL A 77 -3.24 -21.91 8.33
C VAL A 77 -3.77 -22.23 6.94
N PHE A 78 -2.92 -22.15 5.94
CA PHE A 78 -3.31 -22.43 4.57
C PHE A 78 -2.71 -23.76 4.15
N LYS A 79 -3.31 -24.38 3.13
CA LYS A 79 -2.76 -25.62 2.59
C LYS A 79 -1.79 -25.24 1.50
N LYS A 80 -0.58 -25.79 1.53
CA LYS A 80 0.36 -25.64 0.43
C LYS A 80 0.17 -26.76 -0.59
N THR A 81 -0.39 -26.44 -1.75
CA THR A 81 -0.71 -27.41 -2.81
C THR A 81 -0.74 -26.75 -4.18
N LYS A 82 -0.17 -27.43 -5.16
CA LYS A 82 -0.18 -26.92 -6.54
C LYS A 82 -1.25 -27.64 -7.40
N GLU A 83 -2.11 -28.41 -6.74
CA GLU A 83 -3.00 -29.25 -7.51
C GLU A 83 -4.12 -28.55 -8.30
N ILE A 84 -4.56 -27.39 -7.82
CA ILE A 84 -5.58 -26.69 -8.61
C ILE A 84 -4.90 -25.88 -9.73
N ARG A 85 -5.09 -26.39 -10.93
CA ARG A 85 -4.39 -25.89 -12.08
C ARG A 85 -5.37 -25.84 -13.24
N PHE A 86 -5.44 -24.72 -13.95
CA PHE A 86 -6.34 -24.55 -15.09
C PHE A 86 -5.89 -23.43 -16.03
N SER A 87 -6.48 -23.38 -17.21
CA SER A 87 -6.04 -22.40 -18.22
C SER A 87 -6.21 -20.95 -17.73
N ILE A 88 -5.25 -20.11 -18.06
CA ILE A 88 -5.34 -18.66 -17.79
C ILE A 88 -6.55 -18.02 -18.47
N GLU A 89 -7.16 -18.72 -19.41
CA GLU A 89 -8.35 -18.22 -20.09
C GLU A 89 -9.64 -18.41 -19.26
N LYS A 90 -9.55 -19.10 -18.12
CA LYS A 90 -10.74 -19.43 -17.34
C LYS A 90 -10.83 -18.66 -16.01
N GLY A 91 -12.06 -18.36 -15.57
CA GLY A 91 -12.31 -17.92 -14.21
C GLY A 91 -12.10 -16.46 -13.90
N ILE A 92 -12.57 -16.06 -12.71
CA ILE A 92 -12.26 -14.72 -12.25
C ILE A 92 -10.74 -14.58 -12.07
N ALA A 93 -10.12 -15.63 -11.50
CA ALA A 93 -8.65 -15.68 -11.37
C ALA A 93 -7.93 -15.48 -12.69
N GLY A 94 -8.43 -16.11 -13.77
CA GLY A 94 -7.87 -15.92 -15.12
C GLY A 94 -8.03 -14.50 -15.63
N GLN A 95 -9.22 -13.92 -15.47
CA GLN A 95 -9.49 -12.54 -15.88
C GLN A 95 -8.43 -11.60 -15.26
N VAL A 96 -8.22 -11.72 -13.95
CA VAL A 96 -7.24 -10.88 -13.24
C VAL A 96 -5.80 -11.22 -13.67
N ALA A 97 -5.47 -12.50 -13.86
CA ALA A 97 -4.16 -12.83 -14.37
C ALA A 97 -3.92 -12.23 -15.76
N ARG A 98 -4.98 -12.06 -16.56
CA ARG A 98 -4.78 -11.50 -17.92
C ARG A 98 -4.71 -9.98 -18.00
N THR A 99 -5.36 -9.26 -17.08
CA THR A 99 -5.56 -7.80 -17.21
C THR A 99 -4.96 -6.95 -16.11
N GLY A 100 -4.72 -7.57 -14.95
CA GLY A 100 -4.22 -6.85 -13.78
C GLY A 100 -5.28 -6.10 -12.99
N GLU A 101 -6.55 -6.30 -13.35
CA GLU A 101 -7.71 -5.67 -12.68
C GLU A 101 -7.90 -6.14 -11.23
N VAL A 102 -8.55 -5.34 -10.40
CA VAL A 102 -8.96 -5.82 -9.12
C VAL A 102 -10.48 -5.90 -9.20
N LEU A 103 -11.01 -7.12 -9.04
CA LEU A 103 -12.44 -7.36 -9.20
C LEU A 103 -13.16 -7.73 -7.89
N ASN A 104 -14.41 -7.30 -7.77
CA ASN A 104 -15.32 -7.64 -6.69
C ASN A 104 -16.53 -8.28 -7.38
N ILE A 105 -16.68 -9.59 -7.24
CA ILE A 105 -17.76 -10.27 -7.94
C ILE A 105 -18.83 -10.54 -6.89
N PRO A 106 -20.00 -9.89 -6.94
CA PRO A 106 -21.02 -10.11 -5.89
C PRO A 106 -21.73 -11.45 -5.95
N ASP A 107 -21.74 -12.09 -7.12
CA ASP A 107 -22.58 -13.27 -7.34
C ASP A 107 -21.84 -14.11 -8.31
N ALA A 108 -21.02 -15.04 -7.81
CA ALA A 108 -20.09 -15.73 -8.70
C ALA A 108 -20.80 -16.51 -9.78
N TYR A 109 -21.87 -17.21 -9.44
CA TYR A 109 -22.46 -18.11 -10.44
C TYR A 109 -23.19 -17.31 -11.55
N ALA A 110 -23.60 -16.07 -11.26
CA ALA A 110 -24.23 -15.17 -12.25
C ALA A 110 -23.24 -14.63 -13.27
N ASP A 111 -21.94 -14.69 -12.94
CA ASP A 111 -20.87 -14.13 -13.80
C ASP A 111 -20.37 -15.20 -14.78
N PRO A 112 -20.49 -14.95 -16.09
CA PRO A 112 -20.06 -15.92 -17.12
C PRO A 112 -18.54 -16.25 -17.17
N ARG A 113 -17.72 -15.40 -16.57
CA ARG A 113 -16.30 -15.69 -16.52
C ARG A 113 -15.95 -16.68 -15.39
N PHE A 114 -16.80 -16.80 -14.37
CA PHE A 114 -16.53 -17.69 -13.21
C PHE A 114 -16.25 -19.12 -13.68
N ASN A 115 -15.19 -19.71 -13.10
CA ASN A 115 -14.83 -21.11 -13.34
C ASN A 115 -15.34 -21.97 -12.19
N ARG A 116 -16.50 -22.59 -12.44
CA ARG A 116 -17.16 -23.49 -11.51
C ARG A 116 -16.44 -24.81 -11.24
N GLU A 117 -15.42 -25.13 -12.04
CA GLU A 117 -14.75 -26.45 -11.97
C GLU A 117 -14.19 -26.67 -10.57
N VAL A 118 -13.73 -25.59 -9.93
CA VAL A 118 -13.12 -25.76 -8.60
C VAL A 118 -14.18 -26.19 -7.60
N ASP A 119 -15.31 -25.49 -7.54
CA ASP A 119 -16.42 -25.89 -6.65
C ASP A 119 -16.88 -27.31 -6.95
N LEU A 120 -16.96 -27.61 -8.24
CA LEU A 120 -17.45 -28.94 -8.65
C LEU A 120 -16.51 -29.98 -8.05
N TYR A 121 -15.21 -29.66 -8.00
CA TYR A 121 -14.19 -30.54 -7.38
C TYR A 121 -14.20 -30.59 -5.84
N THR A 122 -14.25 -29.43 -5.21
CA THR A 122 -14.12 -29.36 -3.75
C THR A 122 -15.42 -29.67 -3.02
N GLY A 123 -16.57 -29.44 -3.67
CA GLY A 123 -17.84 -29.45 -2.97
C GLY A 123 -18.17 -28.15 -2.25
N TYR A 124 -17.29 -27.16 -2.36
CA TYR A 124 -17.50 -25.86 -1.73
C TYR A 124 -18.37 -25.03 -2.66
N THR A 125 -19.17 -24.13 -2.12
CA THR A 125 -19.94 -23.28 -2.98
C THR A 125 -19.47 -21.83 -2.90
N THR A 126 -18.90 -21.32 -3.99
CA THR A 126 -18.41 -19.96 -4.07
C THR A 126 -19.56 -18.97 -4.41
N ARG A 127 -19.76 -17.96 -3.56
CA ARG A 127 -20.81 -16.98 -3.74
C ARG A 127 -20.20 -15.64 -4.18
N ASN A 128 -19.10 -15.21 -3.53
CA ASN A 128 -18.54 -13.88 -3.69
C ASN A 128 -17.03 -14.02 -3.85
N ILE A 129 -16.40 -13.18 -4.69
CA ILE A 129 -14.93 -13.22 -4.85
C ILE A 129 -14.35 -11.81 -4.92
N LEU A 130 -13.33 -11.52 -4.12
CA LEU A 130 -12.50 -10.33 -4.36
C LEU A 130 -11.22 -10.87 -4.97
N CYS A 131 -10.78 -10.34 -6.11
CA CYS A 131 -9.61 -10.92 -6.77
C CYS A 131 -8.66 -9.79 -7.19
N PRO A 133 -4.26 -8.90 -8.54
CA PRO A 133 -2.98 -9.43 -9.05
C PRO A 133 -1.85 -9.19 -8.09
N ILE A 134 -0.84 -10.09 -8.18
CA ILE A 134 0.49 -9.88 -7.61
C ILE A 134 1.36 -9.50 -8.84
N VAL A 135 2.03 -8.35 -8.78
CA VAL A 135 2.69 -7.78 -9.95
C VAL A 135 4.16 -7.62 -9.62
N SER A 136 4.99 -7.92 -10.62
CA SER A 136 6.44 -7.85 -10.51
C SER A 136 7.02 -7.53 -11.89
N ARG A 137 7.85 -6.48 -11.99
CA ARG A 137 8.55 -6.11 -13.24
C ARG A 137 7.62 -5.96 -14.46
N GLY A 138 6.45 -5.33 -14.26
CA GLY A 138 5.50 -5.09 -15.35
C GLY A 138 4.63 -6.30 -15.73
N SER A 139 4.72 -7.40 -15.00
CA SER A 139 3.88 -8.56 -15.28
C SER A 139 3.06 -9.02 -14.05
N VAL A 140 1.88 -9.59 -14.30
CA VAL A 140 1.12 -10.27 -13.26
C VAL A 140 1.74 -11.64 -13.04
N ILE A 141 2.26 -11.91 -11.85
CA ILE A 141 2.93 -13.19 -11.60
C ILE A 141 2.08 -14.13 -10.70
N GLY A 142 0.95 -13.59 -10.21
CA GLY A 142 0.22 -14.31 -9.19
C GLY A 142 -1.14 -13.68 -9.02
N VAL A 143 -2.03 -14.38 -8.32
CA VAL A 143 -3.39 -13.86 -8.10
C VAL A 143 -3.78 -14.21 -6.66
N VAL A 144 -4.32 -13.24 -5.92
CA VAL A 144 -4.88 -13.49 -4.62
C VAL A 144 -6.43 -13.34 -4.59
N GLN A 145 -7.15 -14.30 -4.00
CA GLN A 145 -8.62 -14.16 -3.84
C GLN A 145 -9.05 -14.23 -2.39
N VAL A 147 -12.77 -15.25 -0.61
CA VAL A 147 -13.95 -15.95 -1.11
C VAL A 147 -15.02 -15.98 0.01
N ASN A 148 -16.25 -15.61 -0.35
CA ASN A 148 -17.44 -15.73 0.52
C ASN A 148 -17.50 -14.76 1.73
N LYS A 149 -18.27 -13.70 1.60
CA LYS A 149 -18.57 -12.81 2.69
C LYS A 149 -19.32 -13.60 3.78
N ILE A 150 -18.76 -13.73 4.96
CA ILE A 150 -19.45 -14.44 6.05
C ILE A 150 -20.71 -13.66 6.48
N SER A 151 -21.86 -14.32 6.49
CA SER A 151 -23.18 -13.70 6.73
C SER A 151 -23.28 -12.31 6.15
N GLY A 152 -22.99 -12.22 4.84
CA GLY A 152 -23.29 -11.06 4.02
C GLY A 152 -23.69 -11.66 2.68
N SER A 153 -24.21 -10.83 1.77
CA SER A 153 -24.62 -11.29 0.44
C SER A 153 -23.52 -11.07 -0.60
N ALA A 154 -22.52 -10.25 -0.22
CA ALA A 154 -21.42 -9.85 -1.10
C ALA A 154 -20.36 -9.07 -0.29
N PHE A 155 -19.13 -9.02 -0.83
CA PHE A 155 -18.15 -8.07 -0.28
C PHE A 155 -18.61 -6.64 -0.55
N SER A 156 -18.55 -5.81 0.47
CA SER A 156 -19.08 -4.47 0.37
C SER A 156 -18.10 -3.53 -0.37
N LYS A 157 -18.58 -2.33 -0.62
CA LYS A 157 -17.78 -1.31 -1.31
C LYS A 157 -16.56 -0.93 -0.46
N THR A 158 -16.73 -0.85 0.86
CA THR A 158 -15.57 -0.72 1.75
C THR A 158 -14.57 -1.87 1.58
N ASP A 159 -15.08 -3.11 1.58
CA ASP A 159 -14.27 -4.29 1.36
C ASP A 159 -13.42 -4.16 0.10
N GLU A 160 -14.09 -3.86 -1.00
CA GLU A 160 -13.47 -3.66 -2.28
C GLU A 160 -12.39 -2.57 -2.27
N ASN A 161 -12.70 -1.41 -1.66
CA ASN A 161 -11.69 -0.34 -1.55
C ASN A 161 -10.50 -0.74 -0.69
N ASN A 162 -10.74 -1.48 0.39
CA ASN A 162 -9.65 -1.97 1.22
C ASN A 162 -8.81 -2.94 0.37
N PHE A 163 -9.46 -3.74 -0.49
CA PHE A 163 -8.71 -4.74 -1.27
C PHE A 163 -7.88 -4.09 -2.39
N LYS A 164 -8.42 -3.03 -2.99
CA LYS A 164 -7.65 -2.25 -3.97
C LYS A 164 -6.42 -1.68 -3.27
N PHE A 166 -4.92 -3.01 -0.64
CA PHE A 166 -3.95 -4.10 -0.51
C PHE A 166 -3.20 -4.46 -1.81
N ALA A 167 -3.89 -4.43 -2.95
CA ALA A 167 -3.21 -4.64 -4.23
C ALA A 167 -2.03 -3.68 -4.43
N VAL A 168 -2.20 -2.41 -4.06
CA VAL A 168 -1.16 -1.41 -4.24
C VAL A 168 -0.10 -1.68 -3.18
N PHE A 169 -0.52 -1.95 -1.94
CA PHE A 169 0.43 -2.37 -0.93
C PHE A 169 1.34 -3.53 -1.44
N CYS A 170 0.76 -4.55 -2.07
CA CYS A 170 1.57 -5.70 -2.51
C CYS A 170 2.50 -5.30 -3.68
N ALA A 171 1.99 -4.49 -4.60
CA ALA A 171 2.81 -4.07 -5.75
C ALA A 171 4.02 -3.31 -5.21
N LEU A 172 3.78 -2.42 -4.25
CA LEU A 172 4.91 -1.67 -3.66
C LEU A 172 5.83 -2.55 -2.84
N ALA A 173 5.27 -3.51 -2.08
CA ALA A 173 6.13 -4.44 -1.30
C ALA A 173 7.07 -5.25 -2.22
N LEU A 174 6.49 -5.80 -3.29
CA LEU A 174 7.33 -6.54 -4.29
C LEU A 174 8.38 -5.67 -4.92
N HIS A 175 8.03 -4.44 -5.22
CA HIS A 175 8.98 -3.55 -5.84
C HIS A 175 10.13 -3.27 -4.88
N CYS A 176 9.78 -3.01 -3.62
CA CYS A 176 10.77 -2.71 -2.60
C CYS A 176 11.72 -3.90 -2.39
N ALA A 177 11.16 -5.10 -2.47
CA ALA A 177 11.91 -6.32 -2.28
C ALA A 177 12.87 -6.50 -3.46
N ASN A 178 12.38 -6.29 -4.68
CA ASN A 178 13.27 -6.38 -5.87
C ASN A 178 14.40 -5.37 -5.71
N TYR A 180 15.63 -3.90 -2.81
CA TYR A 180 16.56 -4.26 -1.71
C TYR A 180 17.56 -5.35 -2.12
N HIS A 181 17.04 -6.39 -2.78
CA HIS A 181 17.85 -7.49 -3.31
C HIS A 181 19.09 -7.01 -4.08
N ARG A 182 18.98 -5.85 -4.72
CA ARG A 182 20.09 -5.29 -5.45
C ARG A 182 21.20 -4.69 -4.57
N ILE A 183 20.97 -4.49 -3.28
CA ILE A 183 22.04 -3.92 -2.42
C ILE A 183 22.36 -4.69 -1.12
N ARG A 184 23.66 -4.86 -0.85
CA ARG A 184 24.16 -5.85 0.13
C ARG A 184 25.38 -5.32 0.89
N GLU B 10 -7.41 2.18 -15.35
CA GLU B 10 -6.31 2.88 -14.62
C GLU B 10 -5.71 2.18 -13.36
N LEU B 11 -6.50 1.56 -12.47
CA LEU B 11 -5.86 0.91 -11.30
C LEU B 11 -4.90 -0.21 -11.79
N ASN B 12 -5.30 -0.91 -12.84
CA ASN B 12 -4.48 -2.01 -13.35
C ASN B 12 -3.20 -1.52 -14.01
N ASP B 13 -3.32 -0.44 -14.78
CA ASP B 13 -2.15 0.28 -15.34
C ASP B 13 -1.28 0.78 -14.20
N PHE B 14 -1.89 1.36 -13.18
CA PHE B 14 -1.12 1.91 -12.06
C PHE B 14 -0.29 0.81 -11.36
N LEU B 15 -0.94 -0.30 -11.04
CA LEU B 15 -0.28 -1.47 -10.40
C LEU B 15 0.87 -1.98 -11.25
N LEU B 16 0.66 -2.12 -12.55
CA LEU B 16 1.72 -2.60 -13.43
C LEU B 16 2.89 -1.56 -13.52
N ASP B 17 2.53 -0.29 -13.64
CA ASP B 17 3.51 0.79 -13.58
C ASP B 17 4.31 0.88 -12.24
N VAL B 18 3.63 0.68 -11.10
CA VAL B 18 4.30 0.62 -9.82
C VAL B 18 5.38 -0.50 -9.80
N SER B 19 5.03 -1.65 -10.40
CA SER B 19 5.90 -2.82 -10.45
C SER B 19 7.11 -2.68 -11.39
N LYS B 20 7.06 -1.68 -12.30
CA LYS B 20 8.12 -1.46 -13.31
C LYS B 20 9.41 -0.98 -12.63
N THR B 21 10.52 -1.63 -12.93
CA THR B 21 11.80 -1.33 -12.31
C THR B 21 12.69 -0.46 -13.24
N TYR B 22 13.69 0.17 -12.62
CA TYR B 22 14.74 0.94 -13.33
C TYR B 22 16.12 0.45 -12.91
N PHE B 23 16.98 0.21 -13.89
CA PHE B 23 18.37 -0.19 -13.65
C PHE B 23 19.13 0.86 -12.84
N ASP B 24 18.93 2.13 -13.17
CA ASP B 24 19.65 3.23 -12.54
C ASP B 24 19.08 3.40 -11.12
N ASN B 25 19.94 3.27 -10.13
CA ASN B 25 19.49 3.22 -8.72
C ASN B 25 18.87 4.51 -8.20
N ILE B 26 19.37 5.67 -8.62
CA ILE B 26 18.84 6.94 -8.16
C ILE B 26 17.48 7.22 -8.84
N VAL B 27 17.40 6.94 -10.14
CA VAL B 27 16.10 7.01 -10.79
C VAL B 27 15.10 6.05 -10.10
N ALA B 28 15.56 4.85 -9.75
CA ALA B 28 14.63 3.87 -9.19
C ALA B 28 13.99 4.37 -7.87
N ILE B 29 14.85 4.91 -7.01
CA ILE B 29 14.45 5.31 -5.66
C ILE B 29 13.53 6.51 -5.77
N ASP B 30 13.85 7.43 -6.69
CA ASP B 30 13.02 8.62 -6.89
C ASP B 30 11.65 8.28 -7.42
N SER B 31 11.64 7.41 -8.44
CA SER B 31 10.37 6.96 -9.02
C SER B 31 9.50 6.25 -7.97
N LEU B 32 10.11 5.47 -7.08
CA LEU B 32 9.34 4.75 -6.05
C LEU B 32 8.64 5.75 -5.08
N LEU B 33 9.42 6.71 -4.61
CA LEU B 33 8.91 7.77 -3.73
C LEU B 33 7.76 8.53 -4.36
N GLU B 34 7.93 8.93 -5.62
CA GLU B 34 6.85 9.59 -6.37
C GLU B 34 5.57 8.76 -6.41
N HIS B 35 5.72 7.49 -6.80
CA HIS B 35 4.56 6.61 -6.78
C HIS B 35 3.88 6.54 -5.43
N ILE B 36 4.66 6.41 -4.36
CA ILE B 36 4.06 6.33 -3.05
C ILE B 36 3.25 7.58 -2.70
N ILE B 38 2.05 9.94 -4.85
CA ILE B 38 0.88 10.08 -5.73
C ILE B 38 -0.27 9.19 -5.21
N TYR B 39 0.04 7.94 -4.86
CA TYR B 39 -1.04 7.03 -4.42
C TYR B 39 -1.57 7.52 -3.08
N ALA B 40 -0.69 7.91 -2.16
CA ALA B 40 -1.17 8.38 -0.83
C ALA B 40 -2.11 9.61 -0.98
N LYS B 41 -1.68 10.56 -1.78
CA LYS B 41 -2.45 11.76 -2.09
C LYS B 41 -3.87 11.44 -2.60
N ASN B 42 -3.95 10.47 -3.50
CA ASN B 42 -5.23 10.03 -4.04
C ASN B 42 -6.04 9.28 -3.02
N LEU B 43 -5.35 8.42 -2.26
CA LEU B 43 -6.01 7.60 -1.27
C LEU B 43 -6.73 8.41 -0.15
N VAL B 44 -6.13 9.52 0.30
CA VAL B 44 -6.79 10.30 1.34
C VAL B 44 -7.41 11.56 0.72
N ASN B 45 -7.38 11.67 -0.60
CA ASN B 45 -7.93 12.87 -1.25
C ASN B 45 -7.29 14.22 -0.75
N ALA B 46 -5.95 14.28 -0.68
CA ALA B 46 -5.26 15.52 -0.35
C ALA B 46 -4.93 16.41 -1.57
N ASP B 47 -5.01 17.71 -1.35
CA ASP B 47 -4.54 18.67 -2.35
C ASP B 47 -2.99 18.67 -2.59
N ARG B 48 -2.20 18.41 -1.54
CA ARG B 48 -0.76 18.54 -1.61
C ARG B 48 -0.10 17.53 -0.70
N CYS B 49 1.19 17.28 -0.89
CA CYS B 49 1.92 16.42 -0.01
C CYS B 49 3.39 16.83 0.03
N ALA B 50 4.17 16.28 0.96
CA ALA B 50 5.57 16.60 1.02
C ALA B 50 6.25 15.52 1.82
N LEU B 51 7.51 15.33 1.50
CA LEU B 51 8.36 14.54 2.31
C LEU B 51 9.51 15.41 2.81
N PHE B 52 9.76 15.39 4.09
CA PHE B 52 10.85 16.15 4.68
C PHE B 52 11.83 15.15 5.22
N GLN B 53 13.11 15.49 5.18
CA GLN B 53 14.10 14.71 5.89
C GLN B 53 14.58 15.44 7.13
N VAL B 54 15.02 14.65 8.11
CA VAL B 54 15.64 15.20 9.33
C VAL B 54 17.18 15.35 9.18
N ASP B 55 17.66 16.55 9.49
CA ASP B 55 19.10 16.84 9.55
C ASP B 55 19.37 16.85 11.05
N HIS B 56 19.88 15.73 11.56
CA HIS B 56 20.06 15.53 13.02
C HIS B 56 21.11 16.46 13.57
N LYS B 57 22.20 16.68 12.80
CA LYS B 57 23.25 17.60 13.22
C LYS B 57 22.68 18.97 13.57
N ASN B 58 21.99 19.57 12.59
CA ASN B 58 21.55 20.97 12.65
C ASN B 58 20.21 21.13 13.30
N LYS B 59 19.65 20.00 13.72
CA LYS B 59 18.37 19.98 14.39
C LYS B 59 17.36 20.70 13.46
N GLU B 60 17.28 20.25 12.21
CA GLU B 60 16.36 20.86 11.24
C GLU B 60 15.63 19.81 10.43
N LEU B 61 14.50 20.20 9.83
CA LEU B 61 13.86 19.46 8.78
C LEU B 61 14.15 20.16 7.43
N TYR B 62 14.25 19.42 6.34
CA TYR B 62 14.38 20.08 5.04
C TYR B 62 13.58 19.30 4.06
N SER B 63 13.00 20.02 3.11
CA SER B 63 12.10 19.41 2.14
C SER B 63 12.91 18.49 1.25
N ASP B 64 12.28 17.45 0.76
CA ASP B 64 12.97 16.58 -0.18
C ASP B 64 12.17 16.54 -1.50
N LEU B 65 10.90 16.20 -1.33
CA LEU B 65 9.89 16.19 -2.35
C LEU B 65 8.70 17.05 -1.89
N PHE B 66 8.24 17.93 -2.76
CA PHE B 66 7.28 18.93 -2.39
C PHE B 66 6.38 19.10 -3.60
N ASP B 67 5.10 18.83 -3.39
CA ASP B 67 4.08 18.97 -4.42
C ASP B 67 3.69 20.42 -4.52
N ILE B 68 3.68 20.98 -5.74
CA ILE B 68 3.12 22.33 -5.91
C ILE B 68 1.86 22.36 -6.81
N GLY B 69 1.20 21.23 -6.96
CA GLY B 69 0.02 21.16 -7.82
C GLY B 69 0.29 21.18 -9.33
N GLU B 70 1.51 20.81 -9.74
CA GLU B 70 1.84 20.82 -11.16
C GLU B 70 1.75 19.46 -11.82
N GLU B 71 1.91 19.46 -13.15
CA GLU B 71 1.69 18.33 -14.04
C GLU B 71 2.57 18.52 -15.31
N LYS B 72 3.37 17.51 -15.65
CA LYS B 72 4.17 17.49 -16.89
C LYS B 72 3.45 16.67 -17.96
N GLU B 73 2.87 15.55 -17.52
CA GLU B 73 1.94 14.75 -18.32
C GLU B 73 1.08 13.95 -17.34
N GLY B 74 -0.15 13.63 -17.76
CA GLY B 74 -1.07 12.74 -17.03
C GLY B 74 -1.30 12.95 -15.53
N LYS B 75 -0.22 12.83 -14.75
CA LYS B 75 -0.28 12.69 -13.29
C LYS B 75 0.60 13.71 -12.54
N PRO B 76 0.37 13.91 -11.24
CA PRO B 76 1.18 14.83 -10.44
C PRO B 76 2.70 14.64 -10.60
N VAL B 77 3.42 15.77 -10.60
CA VAL B 77 4.88 15.82 -10.62
C VAL B 77 5.35 16.67 -9.42
N PHE B 78 6.47 16.30 -8.80
CA PHE B 78 6.91 16.91 -7.55
C PHE B 78 8.20 17.73 -7.70
N LYS B 79 8.28 18.89 -7.05
CA LYS B 79 9.56 19.61 -6.87
C LYS B 79 10.54 18.78 -6.00
N LYS B 80 11.71 18.46 -6.56
CA LYS B 80 12.88 17.94 -5.83
C LYS B 80 13.74 19.13 -5.38
N THR B 81 13.59 19.55 -4.12
CA THR B 81 14.19 20.80 -3.64
C THR B 81 14.33 20.75 -2.13
N LYS B 82 15.52 21.09 -1.65
CA LYS B 82 15.83 21.17 -0.23
C LYS B 82 15.57 22.58 0.28
N GLU B 83 14.78 23.35 -0.47
CA GLU B 83 14.64 24.78 -0.19
C GLU B 83 13.81 25.13 1.03
N ILE B 84 12.88 24.26 1.37
CA ILE B 84 12.14 24.52 2.61
C ILE B 84 12.91 23.87 3.74
N ARG B 85 13.34 24.70 4.69
CA ARG B 85 14.11 24.21 5.80
C ARG B 85 13.76 25.02 7.02
N PHE B 86 13.59 24.35 8.15
CA PHE B 86 13.30 25.04 9.39
C PHE B 86 13.72 24.21 10.61
N SER B 87 13.90 24.90 11.74
CA SER B 87 14.24 24.26 13.00
C SER B 87 13.23 23.17 13.36
N ILE B 88 13.77 22.03 13.82
CA ILE B 88 12.97 20.93 14.38
C ILE B 88 11.97 21.35 15.50
N GLU B 89 12.21 22.53 16.10
CA GLU B 89 11.27 23.12 17.08
C GLU B 89 10.00 23.62 16.46
N LYS B 90 9.97 23.73 15.13
CA LYS B 90 8.83 24.36 14.51
C LYS B 90 7.90 23.38 13.79
N GLY B 91 6.59 23.65 13.89
CA GLY B 91 5.62 23.12 12.98
C GLY B 91 5.05 21.80 13.44
N ILE B 92 4.02 21.35 12.75
CA ILE B 92 3.49 20.01 12.96
C ILE B 92 4.57 18.99 12.55
N ALA B 93 5.24 19.27 11.42
CA ALA B 93 6.38 18.43 10.97
C ALA B 93 7.48 18.29 12.02
N GLY B 94 7.84 19.40 12.64
CA GLY B 94 8.82 19.40 13.70
C GLY B 94 8.34 18.63 14.93
N GLN B 95 7.08 18.79 15.31
CA GLN B 95 6.52 18.06 16.44
C GLN B 95 6.60 16.53 16.20
N VAL B 96 6.22 16.08 15.01
CA VAL B 96 6.34 14.64 14.64
C VAL B 96 7.83 14.15 14.61
N ALA B 97 8.73 14.97 14.04
CA ALA B 97 10.17 14.64 14.05
C ALA B 97 10.66 14.47 15.48
N ARG B 98 10.17 15.32 16.37
CA ARG B 98 10.71 15.37 17.74
C ARG B 98 10.17 14.24 18.61
N THR B 99 8.91 13.86 18.41
CA THR B 99 8.32 12.85 19.30
C THR B 99 7.99 11.52 18.64
N GLY B 100 7.98 11.46 17.31
CA GLY B 100 7.55 10.24 16.66
C GLY B 100 6.05 9.96 16.66
N GLU B 101 5.22 10.90 17.10
CA GLU B 101 3.78 10.64 17.15
C GLU B 101 3.17 11.00 15.78
N VAL B 102 2.12 10.30 15.38
CA VAL B 102 1.31 10.65 14.23
C VAL B 102 0.35 11.82 14.59
N LEU B 103 0.25 12.84 13.74
CA LEU B 103 -0.70 13.95 13.99
C LEU B 103 -1.72 14.09 12.87
N ASN B 104 -2.98 14.29 13.26
CA ASN B 104 -4.04 14.58 12.31
C ASN B 104 -4.59 15.93 12.79
N ILE B 105 -4.28 16.98 12.04
CA ILE B 105 -4.57 18.34 12.50
C ILE B 105 -5.74 18.82 11.64
N PRO B 106 -6.91 19.03 12.23
CA PRO B 106 -8.07 19.41 11.41
C PRO B 106 -8.12 20.89 11.03
N ASP B 107 -7.38 21.74 11.74
CA ASP B 107 -7.46 23.19 11.48
C ASP B 107 -6.08 23.74 11.85
N ALA B 108 -5.25 23.90 10.82
CA ALA B 108 -3.84 24.17 11.00
C ALA B 108 -3.59 25.49 11.72
N TYR B 109 -4.23 26.56 11.27
CA TYR B 109 -4.09 27.89 11.90
C TYR B 109 -4.60 27.94 13.36
N ALA B 110 -5.47 27.02 13.77
CA ALA B 110 -5.96 26.97 15.16
C ALA B 110 -4.99 26.19 16.05
N ASP B 111 -4.03 25.47 15.45
CA ASP B 111 -3.10 24.69 16.27
C ASP B 111 -1.84 25.55 16.53
N PRO B 112 -1.51 25.78 17.81
CA PRO B 112 -0.37 26.66 18.10
C PRO B 112 1.02 26.09 17.72
N ARG B 113 1.07 24.81 17.37
CA ARG B 113 2.38 24.23 16.95
C ARG B 113 2.63 24.42 15.47
N PHE B 114 1.60 24.83 14.72
CA PHE B 114 1.71 24.93 13.27
C PHE B 114 2.68 25.99 12.81
N ASN B 115 3.50 25.71 11.78
CA ASN B 115 4.54 26.63 11.33
C ASN B 115 3.96 27.43 10.18
N ARG B 116 3.48 28.64 10.46
CA ARG B 116 2.85 29.45 9.43
C ARG B 116 3.84 30.08 8.46
N GLU B 117 5.13 30.05 8.79
CA GLU B 117 6.14 30.64 7.91
C GLU B 117 6.25 29.97 6.54
N VAL B 118 5.91 28.67 6.44
CA VAL B 118 6.04 28.02 5.13
C VAL B 118 4.98 28.58 4.19
N ASP B 119 3.73 28.68 4.67
CA ASP B 119 2.65 29.28 3.86
C ASP B 119 3.01 30.71 3.40
N LEU B 120 3.72 31.46 4.24
CA LEU B 120 4.10 32.84 3.88
C LEU B 120 5.07 32.80 2.71
N TYR B 121 5.94 31.80 2.74
CA TYR B 121 6.99 31.62 1.72
C TYR B 121 6.40 31.12 0.41
N THR B 122 5.54 30.10 0.47
CA THR B 122 4.99 29.53 -0.74
C THR B 122 3.83 30.34 -1.32
N GLY B 123 3.06 31.03 -0.48
CA GLY B 123 1.86 31.71 -0.96
C GLY B 123 0.64 30.79 -0.86
N TYR B 124 0.85 29.53 -0.48
CA TYR B 124 -0.23 28.56 -0.29
C TYR B 124 -0.92 28.75 1.09
N THR B 125 -2.18 28.40 1.19
CA THR B 125 -2.85 28.43 2.48
C THR B 125 -3.22 27.06 3.03
N THR B 126 -2.53 26.62 4.08
CA THR B 126 -2.73 25.28 4.65
C THR B 126 -3.95 25.31 5.60
N ARG B 127 -4.81 24.30 5.52
CA ARG B 127 -6.01 24.23 6.36
C ARG B 127 -5.98 22.97 7.22
N ASN B 128 -5.45 21.87 6.68
CA ASN B 128 -5.37 20.64 7.46
C ASN B 128 -4.18 19.77 7.04
N ILE B 129 -3.69 19.02 8.02
CA ILE B 129 -2.45 18.27 7.84
C ILE B 129 -2.56 16.90 8.44
N LEU B 130 -2.16 15.87 7.68
CA LEU B 130 -1.91 14.57 8.25
C LEU B 130 -0.42 14.39 8.18
N CYS B 131 0.22 14.03 9.29
CA CYS B 131 1.69 14.02 9.31
C CYS B 131 2.18 12.76 10.03
N PRO B 133 5.56 10.08 10.97
CA PRO B 133 7.04 9.95 11.07
C PRO B 133 7.53 8.81 10.19
N ILE B 134 8.72 8.95 9.64
CA ILE B 134 9.36 7.87 8.88
C ILE B 134 10.51 7.40 9.77
N VAL B 135 10.44 6.15 10.20
CA VAL B 135 11.32 5.65 11.23
C VAL B 135 12.23 4.56 10.62
N SER B 136 13.53 4.71 10.86
CA SER B 136 14.47 3.67 10.47
C SER B 136 15.33 3.46 11.70
N ARG B 137 15.15 2.27 12.29
CA ARG B 137 15.95 1.80 13.40
C ARG B 137 15.81 2.61 14.71
N GLY B 138 14.56 2.87 15.10
CA GLY B 138 14.25 3.62 16.30
C GLY B 138 14.40 5.12 16.16
N SER B 139 14.91 5.55 15.01
CA SER B 139 15.21 6.94 14.73
C SER B 139 14.26 7.52 13.64
N VAL B 140 13.63 8.65 13.93
CA VAL B 140 12.78 9.37 12.98
C VAL B 140 13.70 10.03 11.95
N ILE B 141 13.72 9.54 10.71
CA ILE B 141 14.65 10.08 9.71
C ILE B 141 13.91 11.01 8.73
N GLY B 142 12.60 11.13 8.90
CA GLY B 142 11.83 11.98 8.02
C GLY B 142 10.41 12.06 8.50
N VAL B 143 9.63 12.88 7.82
CA VAL B 143 8.19 12.96 8.02
C VAL B 143 7.53 13.14 6.68
N VAL B 144 6.35 12.59 6.52
CA VAL B 144 5.60 12.77 5.28
C VAL B 144 4.34 13.50 5.63
N GLN B 145 3.82 14.32 4.71
CA GLN B 145 2.58 15.04 5.02
C GLN B 145 1.62 14.92 3.89
N VAL B 147 -1.72 17.23 2.78
CA VAL B 147 -2.16 18.57 3.12
C VAL B 147 -3.45 18.95 2.37
N ASN B 148 -4.42 19.48 3.12
CA ASN B 148 -5.65 20.05 2.57
C ASN B 148 -6.61 19.08 1.91
N LYS B 149 -7.50 18.50 2.71
CA LYS B 149 -8.46 17.56 2.20
C LYS B 149 -9.35 18.25 1.16
N ILE B 150 -9.51 17.62 0.00
CA ILE B 150 -10.27 18.24 -1.10
C ILE B 150 -11.81 18.30 -0.92
N SER B 151 -12.41 17.17 -0.57
CA SER B 151 -13.88 17.11 -0.44
C SER B 151 -14.25 16.72 0.99
N GLY B 152 -13.86 17.55 1.91
CA GLY B 152 -14.17 17.32 3.30
C GLY B 152 -13.60 18.44 4.10
N SER B 153 -13.80 18.33 5.40
CA SER B 153 -13.52 19.38 6.32
C SER B 153 -12.08 19.21 6.88
N ALA B 154 -11.60 17.97 6.86
CA ALA B 154 -10.39 17.54 7.56
C ALA B 154 -10.14 16.09 7.16
N PHE B 155 -8.96 15.56 7.45
CA PHE B 155 -8.71 14.13 7.22
C PHE B 155 -9.35 13.27 8.31
N SER B 156 -9.99 12.16 7.93
CA SER B 156 -10.70 11.31 8.88
C SER B 156 -9.68 10.40 9.52
N LYS B 157 -10.09 9.65 10.54
CA LYS B 157 -9.29 8.59 11.15
C LYS B 157 -8.99 7.48 10.13
N THR B 158 -9.95 7.17 9.26
CA THR B 158 -9.75 6.20 8.20
C THR B 158 -8.59 6.65 7.31
N ASP B 159 -8.59 7.93 6.91
CA ASP B 159 -7.51 8.53 6.11
C ASP B 159 -6.17 8.32 6.79
N GLU B 160 -6.14 8.64 8.08
CA GLU B 160 -4.95 8.47 8.90
C GLU B 160 -4.44 7.05 8.90
N ASN B 161 -5.34 6.10 9.13
CA ASN B 161 -4.99 4.70 9.14
C ASN B 161 -4.47 4.23 7.77
N ASN B 162 -5.06 4.74 6.70
CA ASN B 162 -4.71 4.27 5.35
C ASN B 162 -3.35 4.87 4.99
N PHE B 163 -3.19 6.16 5.28
CA PHE B 163 -1.93 6.87 5.08
C PHE B 163 -0.78 6.14 5.83
N LYS B 164 -1.04 5.71 7.06
CA LYS B 164 -0.03 5.00 7.86
C LYS B 164 0.48 3.67 7.27
N PHE B 166 1.15 3.04 4.34
CA PHE B 166 2.11 3.21 3.25
C PHE B 166 3.44 3.85 3.69
N ALA B 167 3.61 4.06 5.01
CA ALA B 167 4.70 4.84 5.59
C ALA B 167 5.92 4.01 5.62
N VAL B 168 5.70 2.71 5.79
CA VAL B 168 6.76 1.77 5.78
C VAL B 168 7.50 1.86 4.47
N PHE B 169 6.79 2.15 3.38
CA PHE B 169 7.46 2.15 2.04
C PHE B 169 8.32 3.39 1.90
N CYS B 170 7.90 4.48 2.53
CA CYS B 170 8.78 5.64 2.63
C CYS B 170 10.09 5.35 3.38
N ALA B 171 9.98 4.69 4.56
CA ALA B 171 11.15 4.25 5.32
C ALA B 171 12.09 3.35 4.49
N LEU B 172 11.53 2.38 3.78
CA LEU B 172 12.36 1.49 2.97
C LEU B 172 13.03 2.24 1.86
N ALA B 173 12.29 3.11 1.18
CA ALA B 173 12.87 3.83 0.05
C ALA B 173 14.01 4.76 0.52
N LEU B 174 13.75 5.50 1.59
CA LEU B 174 14.73 6.41 2.21
C LEU B 174 15.95 5.66 2.78
N HIS B 175 15.73 4.51 3.41
CA HIS B 175 16.86 3.73 3.89
C HIS B 175 17.77 3.39 2.69
N CYS B 176 17.19 2.88 1.61
CA CYS B 176 17.90 2.59 0.38
C CYS B 176 18.77 3.73 -0.15
N ALA B 177 18.20 4.92 -0.25
CA ALA B 177 18.98 6.10 -0.59
C ALA B 177 20.14 6.36 0.41
N ASN B 178 19.92 6.00 1.69
CA ASN B 178 20.91 6.24 2.76
C ASN B 178 22.02 5.18 2.76
N TYR B 180 22.85 3.84 -0.39
CA TYR B 180 23.47 4.34 -1.62
C TYR B 180 24.00 5.79 -1.44
N HIS B 181 24.74 5.99 -0.34
CA HIS B 181 25.29 7.28 0.09
C HIS B 181 25.55 8.29 -1.04
#